data_7EV2
#
_entry.id   7EV2
#
_cell.length_a   61.548
_cell.length_b   61.548
_cell.length_c   335.480
_cell.angle_alpha   90.000
_cell.angle_beta   90.000
_cell.angle_gamma   120.000
#
_symmetry.space_group_name_H-M   'P 65 2 2'
#
loop_
_entity.id
_entity.type
_entity.pdbx_description
1 polymer 'Tryptophan--tRNA ligase'
2 non-polymer "ADENOSINE-5'-TRIPHOSPHATE"
3 non-polymer 'MAGNESIUM ION'
4 non-polymer (5S)-5-[(1R)-1-(4-chloranyl-1H-indol-3-yl)ethyl]-2-(methylamino)-1,3-oxazol-4-one
5 water water
#
_entity_poly.entity_id   1
_entity_poly.type   'polypeptide(L)'
_entity_poly.pdbx_seq_one_letter_code
;MSTPTGSRRIFSGVQPTSDSLHLGNALGAVAQWVGLQDDHDAFFCVVDLHAITIPQDPEALRRRTLITAAQYLALGIDPG
RATIFVQSQVPAHTQLAWVLGCFTGFGQASRMTQFKDKSARQGSEATTVGLFTYPVLQAADVLAYDTELVPVGEDQRQHL
ELARDVAQRFNSRFPGTLVVPDVLIPKMTAKIYDLQDPTSKMSKSAGTDAGLINLLDDPALSAKKIRSAVTDSERDIRYD
PDVKPGVSNLLNIQSAVTGTDIDVLVDGYAGHGYGDLKKDTAEAVVEFVNPIQARVDELTADPAELEAVLAAGAQRAHDV
ASKTVQRVYDRLGFLLLEHHHHHH
;
_entity_poly.pdbx_strand_id   A
#
# COMPACT_ATOMS: atom_id res chain seq x y z
N GLY A 6 -21.33 0.86 -4.45
CA GLY A 6 -21.05 -0.54 -4.19
C GLY A 6 -20.60 -1.30 -5.44
N SER A 7 -20.51 -0.59 -6.57
CA SER A 7 -20.06 -1.20 -7.81
C SER A 7 -18.56 -1.43 -7.75
N ARG A 8 -18.13 -2.68 -7.90
CA ARG A 8 -16.71 -3.01 -8.04
C ARG A 8 -15.91 -2.45 -6.86
N ARG A 9 -16.44 -2.69 -5.66
CA ARG A 9 -15.90 -2.14 -4.43
C ARG A 9 -14.47 -2.63 -4.20
N ILE A 10 -13.57 -1.69 -3.90
CA ILE A 10 -12.17 -2.03 -3.62
C ILE A 10 -11.79 -1.47 -2.26
N PHE A 11 -10.75 -2.07 -1.67
CA PHE A 11 -10.25 -1.65 -0.38
C PHE A 11 -8.74 -1.81 -0.40
N SER A 12 -8.03 -0.84 0.19
CA SER A 12 -6.60 -1.00 0.35
C SER A 12 -6.13 -0.07 1.47
N GLY A 13 -4.93 -0.32 1.98
CA GLY A 13 -4.44 0.53 3.05
C GLY A 13 -2.93 0.52 3.15
N VAL A 14 -2.41 1.55 3.82
CA VAL A 14 -0.98 1.73 4.07
C VAL A 14 -0.79 2.08 5.53
N GLN A 15 0.28 1.60 6.13
CA GLN A 15 0.54 1.84 7.55
C GLN A 15 1.17 3.22 7.76
N PRO A 16 0.73 3.98 8.77
CA PRO A 16 1.40 5.27 9.05
C PRO A 16 2.65 5.09 9.90
N THR A 17 3.61 4.35 9.38
CA THR A 17 4.80 4.00 10.15
C THR A 17 6.01 4.87 9.84
N SER A 18 5.89 5.84 8.93
CA SER A 18 6.99 6.78 8.74
C SER A 18 6.46 8.11 8.23
N ASP A 19 7.37 9.09 8.19
CA ASP A 19 7.05 10.44 7.74
C ASP A 19 6.85 10.51 6.23
N SER A 20 7.06 9.44 5.49
CA SER A 20 6.94 9.50 4.04
C SER A 20 6.70 8.09 3.49
N LEU A 21 5.77 7.99 2.54
CA LEU A 21 5.75 6.84 1.65
C LEU A 21 7.01 6.84 0.80
N HIS A 22 7.38 5.67 0.30
CA HIS A 22 8.46 5.55 -0.66
C HIS A 22 7.89 5.12 -2.01
N LEU A 23 8.77 4.99 -3.00
CA LEU A 23 8.29 4.72 -4.36
C LEU A 23 7.56 3.40 -4.45
N GLY A 24 7.97 2.41 -3.66
CA GLY A 24 7.23 1.16 -3.59
C GLY A 24 5.77 1.37 -3.30
N ASN A 25 5.45 2.14 -2.24
CA ASN A 25 4.05 2.41 -1.91
C ASN A 25 3.37 3.18 -3.01
N ALA A 26 4.06 4.21 -3.52
CA ALA A 26 3.40 5.13 -4.45
C ALA A 26 3.17 4.47 -5.80
N LEU A 27 4.14 3.70 -6.28
CA LEU A 27 3.98 3.06 -7.58
C LEU A 27 3.35 1.68 -7.48
N GLY A 28 3.66 0.92 -6.43
CA GLY A 28 3.12 -0.42 -6.31
C GLY A 28 1.69 -0.50 -5.81
N ALA A 29 1.21 0.56 -5.15
CA ALA A 29 -0.14 0.55 -4.60
C ALA A 29 -0.95 1.77 -5.03
N VAL A 30 -0.54 2.97 -4.58
CA VAL A 30 -1.40 4.14 -4.72
C VAL A 30 -1.65 4.49 -6.18
N ALA A 31 -0.64 4.29 -7.05
CA ALA A 31 -0.85 4.56 -8.48
C ALA A 31 -1.94 3.68 -9.05
N GLN A 32 -2.02 2.43 -8.61
CA GLN A 32 -3.14 1.58 -9.03
C GLN A 32 -4.45 2.13 -8.49
N TRP A 33 -4.46 2.54 -7.21
CA TRP A 33 -5.67 3.12 -6.64
C TRP A 33 -6.18 4.26 -7.49
N VAL A 34 -5.26 5.14 -7.93
CA VAL A 34 -5.68 6.33 -8.64
C VAL A 34 -6.38 5.94 -9.94
N GLY A 35 -5.83 4.96 -10.66
CA GLY A 35 -6.48 4.48 -11.87
C GLY A 35 -7.81 3.80 -11.62
N LEU A 36 -7.98 3.21 -10.44
CA LEU A 36 -9.18 2.43 -10.17
C LEU A 36 -10.33 3.28 -9.65
N GLN A 37 -10.03 4.40 -9.00
CA GLN A 37 -11.08 5.10 -8.27
C GLN A 37 -12.17 5.66 -9.17
N ASP A 38 -11.88 5.91 -10.44
CA ASP A 38 -12.90 6.56 -11.28
C ASP A 38 -14.07 5.63 -11.63
N ASP A 39 -13.83 4.31 -11.73
CA ASP A 39 -14.92 3.39 -12.04
C ASP A 39 -15.09 2.28 -11.00
N HIS A 40 -14.37 2.34 -9.88
CA HIS A 40 -14.58 1.43 -8.75
C HIS A 40 -14.96 2.24 -7.51
N ASP A 41 -15.90 1.71 -6.73
CA ASP A 41 -16.23 2.28 -5.42
C ASP A 41 -15.11 1.96 -4.42
N ALA A 42 -14.38 2.97 -3.97
CA ALA A 42 -13.10 2.71 -3.29
C ALA A 42 -13.11 3.17 -1.84
N PHE A 43 -12.53 2.34 -0.96
CA PHE A 43 -12.23 2.69 0.43
C PHE A 43 -10.72 2.60 0.61
N PHE A 44 -10.08 3.72 0.92
CA PHE A 44 -8.64 3.76 1.12
C PHE A 44 -8.37 4.12 2.57
N CYS A 45 -7.61 3.28 3.24
CA CYS A 45 -7.52 3.30 4.69
C CYS A 45 -6.10 3.62 5.12
N VAL A 46 -5.97 4.41 6.17
CA VAL A 46 -4.72 4.55 6.90
C VAL A 46 -4.80 3.59 8.08
N VAL A 47 -4.03 2.51 8.05
CA VAL A 47 -4.24 1.40 9.00
C VAL A 47 -3.33 1.65 10.20
N ASP A 48 -3.77 2.56 11.07
CA ASP A 48 -3.00 2.90 12.26
C ASP A 48 -3.02 1.80 13.32
N LEU A 49 -4.08 0.97 13.37
CA LEU A 49 -4.07 -0.17 14.30
C LEU A 49 -2.92 -1.11 13.99
N HIS A 50 -2.60 -1.27 12.70
CA HIS A 50 -1.50 -2.14 12.32
C HIS A 50 -0.16 -1.55 12.76
N ALA A 51 -0.07 -0.23 12.80
CA ALA A 51 1.23 0.40 13.06
C ALA A 51 1.75 0.03 14.44
N ILE A 52 0.85 -0.18 15.42
CA ILE A 52 1.28 -0.37 16.80
C ILE A 52 1.69 -1.80 17.09
N THR A 53 1.72 -2.68 16.07
CA THR A 53 2.37 -3.97 16.29
C THR A 53 3.86 -3.78 16.62
N ILE A 54 4.41 -2.63 16.28
CA ILE A 54 5.77 -2.19 16.62
C ILE A 54 5.59 -0.97 17.52
N PRO A 55 6.40 -0.77 18.55
CA PRO A 55 6.22 0.40 19.41
C PRO A 55 6.32 1.69 18.61
N GLN A 56 5.40 2.62 18.87
CA GLN A 56 5.32 3.85 18.11
C GLN A 56 5.34 5.03 19.06
N ASP A 57 6.05 6.10 18.70
CA ASP A 57 5.95 7.33 19.49
C ASP A 57 4.60 7.98 19.22
N PRO A 58 3.86 8.36 20.25
CA PRO A 58 2.45 8.78 20.02
C PRO A 58 2.33 10.05 19.19
N GLU A 59 3.17 11.04 19.46
CA GLU A 59 3.10 12.26 18.69
C GLU A 59 3.39 11.98 17.23
N ALA A 60 4.39 11.19 16.98
CA ALA A 60 4.73 10.81 15.61
C ALA A 60 3.59 10.03 14.94
N LEU A 61 3.02 9.05 15.65
CA LEU A 61 1.95 8.24 15.08
C LEU A 61 0.78 9.11 14.61
N ARG A 62 0.34 10.04 15.44
CA ARG A 62 -0.73 10.95 15.02
C ARG A 62 -0.31 11.78 13.81
N ARG A 63 0.90 12.34 13.84
CA ARG A 63 1.39 13.18 12.74
C ARG A 63 1.52 12.38 11.45
N ARG A 64 2.01 11.15 11.55
CA ARG A 64 2.18 10.33 10.36
C ARG A 64 0.86 9.80 9.82
N THR A 65 -0.15 9.66 10.69
CA THR A 65 -1.48 9.29 10.19
C THR A 65 -2.01 10.35 9.25
N LEU A 66 -1.97 11.62 9.68
CA LEU A 66 -2.38 12.71 8.81
C LEU A 66 -1.54 12.80 7.54
N ILE A 67 -0.22 12.64 7.66
CA ILE A 67 0.61 12.83 6.48
C ILE A 67 0.51 11.65 5.51
N THR A 68 0.13 10.47 5.99
CA THR A 68 -0.15 9.37 5.07
C THR A 68 -1.40 9.66 4.26
N ALA A 69 -2.46 10.16 4.93
CA ALA A 69 -3.67 10.56 4.22
C ALA A 69 -3.40 11.69 3.24
N ALA A 70 -2.57 12.66 3.63
CA ALA A 70 -2.22 13.77 2.74
C ALA A 70 -1.48 13.28 1.50
N GLN A 71 -0.63 12.27 1.67
CA GLN A 71 0.05 11.72 0.51
C GLN A 71 -0.93 11.01 -0.43
N TYR A 72 -2.02 10.43 0.11
CA TYR A 72 -3.06 9.89 -0.76
C TYR A 72 -3.63 11.00 -1.65
N LEU A 73 -4.06 12.11 -1.04
CA LEU A 73 -4.60 13.21 -1.83
C LEU A 73 -3.57 13.72 -2.83
N ALA A 74 -2.32 13.86 -2.41
CA ALA A 74 -1.31 14.45 -3.28
C ALA A 74 -0.93 13.50 -4.42
N LEU A 75 -1.07 12.20 -4.20
CA LEU A 75 -0.84 11.27 -5.29
C LEU A 75 -2.03 11.19 -6.24
N GLY A 76 -3.12 11.87 -5.93
CA GLY A 76 -4.25 11.96 -6.84
C GLY A 76 -5.50 11.26 -6.38
N ILE A 77 -5.53 10.69 -5.16
CA ILE A 77 -6.78 10.16 -4.66
C ILE A 77 -7.77 11.30 -4.50
N ASP A 78 -8.99 11.08 -4.95
CA ASP A 78 -9.98 12.15 -5.09
C ASP A 78 -11.08 11.96 -4.05
N PRO A 79 -11.14 12.79 -3.01
CA PRO A 79 -12.16 12.60 -1.97
C PRO A 79 -13.58 12.75 -2.49
N GLY A 80 -13.76 13.31 -3.68
CA GLY A 80 -15.09 13.32 -4.29
C GLY A 80 -15.49 11.99 -4.90
N ARG A 81 -14.52 11.15 -5.22
CA ARG A 81 -14.78 9.85 -5.81
C ARG A 81 -14.50 8.68 -4.86
N ALA A 82 -13.66 8.87 -3.86
CA ALA A 82 -13.25 7.77 -2.99
C ALA A 82 -13.44 8.17 -1.53
N THR A 83 -13.40 7.16 -0.67
CA THR A 83 -13.49 7.32 0.77
C THR A 83 -12.11 7.09 1.35
N ILE A 84 -11.63 8.05 2.17
CA ILE A 84 -10.37 7.94 2.90
C ILE A 84 -10.69 8.04 4.38
N PHE A 85 -10.18 7.11 5.17
CA PHE A 85 -10.52 7.09 6.60
C PHE A 85 -9.39 6.44 7.38
N VAL A 86 -9.45 6.61 8.69
CA VAL A 86 -8.45 6.10 9.62
C VAL A 86 -9.01 4.85 10.28
N GLN A 87 -8.28 3.74 10.17
CA GLN A 87 -8.75 2.43 10.62
C GLN A 87 -9.32 2.48 12.04
N SER A 88 -8.56 3.03 12.97
CA SER A 88 -8.93 2.99 14.38
C SER A 88 -10.24 3.70 14.67
N GLN A 89 -10.72 4.54 13.75
CA GLN A 89 -11.98 5.24 13.99
C GLN A 89 -13.22 4.39 13.68
N VAL A 90 -13.06 3.15 13.21
CA VAL A 90 -14.20 2.31 12.86
C VAL A 90 -14.10 1.02 13.66
N PRO A 91 -14.90 0.89 14.73
CA PRO A 91 -14.75 -0.29 15.63
C PRO A 91 -14.99 -1.62 14.96
N ALA A 92 -15.72 -1.64 13.83
CA ALA A 92 -16.07 -2.90 13.19
C ALA A 92 -14.83 -3.72 12.82
N HIS A 93 -13.69 -3.07 12.53
CA HIS A 93 -12.49 -3.81 12.14
C HIS A 93 -12.06 -4.80 13.22
N THR A 94 -12.00 -4.37 14.48
CA THR A 94 -11.57 -5.27 15.54
C THR A 94 -12.65 -6.28 15.89
N GLN A 95 -13.93 -5.91 15.77
CA GLN A 95 -15.01 -6.87 15.99
C GLN A 95 -14.92 -8.03 15.02
N LEU A 96 -14.83 -7.72 13.72
CA LEU A 96 -14.70 -8.79 12.74
C LEU A 96 -13.39 -9.56 12.92
N ALA A 97 -12.32 -8.87 13.31
CA ALA A 97 -11.04 -9.56 13.51
C ALA A 97 -11.17 -10.66 14.56
N TRP A 98 -11.87 -10.37 15.66
CA TRP A 98 -12.07 -11.41 16.68
C TRP A 98 -12.85 -12.59 16.08
N VAL A 99 -13.94 -12.32 15.38
CA VAL A 99 -14.71 -13.42 14.77
C VAL A 99 -13.82 -14.22 13.83
N LEU A 100 -13.12 -13.55 12.91
CA LEU A 100 -12.33 -14.27 11.92
C LEU A 100 -11.21 -15.06 12.57
N GLY A 101 -10.67 -14.58 13.68
CA GLY A 101 -9.62 -15.33 14.35
C GLY A 101 -10.11 -16.67 14.84
N CYS A 102 -11.40 -16.76 15.17
CA CYS A 102 -12.01 -18.01 15.58
C CYS A 102 -12.19 -18.98 14.42
N PHE A 103 -12.01 -18.50 13.18
CA PHE A 103 -12.06 -19.33 11.97
C PHE A 103 -10.70 -19.44 11.29
N THR A 104 -9.63 -19.08 11.99
CA THR A 104 -8.28 -19.09 11.42
C THR A 104 -7.45 -20.10 12.17
N GLY A 105 -6.85 -21.05 11.44
CA GLY A 105 -6.02 -22.06 12.10
C GLY A 105 -4.76 -21.45 12.66
N PHE A 106 -4.34 -21.96 13.82
CA PHE A 106 -3.08 -21.53 14.42
C PHE A 106 -1.91 -21.81 13.47
N GLY A 107 -1.88 -23.00 12.87
CA GLY A 107 -0.83 -23.31 11.93
C GLY A 107 -0.85 -22.42 10.70
N GLN A 108 -2.05 -22.07 10.23
CA GLN A 108 -2.22 -21.09 9.16
C GLN A 108 -1.48 -19.80 9.49
N ALA A 109 -1.75 -19.25 10.68
CA ALA A 109 -1.11 -18.00 11.09
C ALA A 109 0.38 -18.17 11.34
N SER A 110 0.78 -19.33 11.86
CA SER A 110 2.20 -19.60 12.09
C SER A 110 3.00 -19.65 10.80
N ARG A 111 2.37 -20.06 9.69
CA ARG A 111 3.10 -20.18 8.44
C ARG A 111 3.33 -18.83 7.75
N MET A 112 2.69 -17.76 8.21
CA MET A 112 2.85 -16.46 7.57
C MET A 112 4.29 -16.01 7.64
N THR A 113 4.76 -15.37 6.56
CA THR A 113 6.19 -15.21 6.32
C THR A 113 6.86 -14.35 7.39
N GLN A 114 6.28 -13.20 7.72
CA GLN A 114 6.90 -12.29 8.69
C GLN A 114 7.06 -12.97 10.05
N PHE A 115 5.98 -13.57 10.57
CA PHE A 115 6.09 -14.31 11.82
C PHE A 115 7.06 -15.48 11.68
N LYS A 116 6.83 -16.34 10.69
CA LYS A 116 7.71 -17.47 10.42
C LYS A 116 9.08 -16.99 9.94
N ALA A 126 10.59 -12.32 21.12
CA ALA A 126 10.49 -11.11 20.32
C ALA A 126 9.05 -10.88 19.85
N THR A 127 8.38 -11.96 19.50
CA THR A 127 7.04 -11.81 18.94
C THR A 127 6.03 -11.44 20.03
N THR A 128 5.01 -10.72 19.61
CA THR A 128 3.83 -10.43 20.40
C THR A 128 2.63 -11.12 19.76
N VAL A 129 1.52 -11.12 20.49
CA VAL A 129 0.28 -11.62 19.89
C VAL A 129 -0.11 -10.76 18.70
N GLY A 130 0.09 -9.43 18.81
CA GLY A 130 -0.26 -8.54 17.71
C GLY A 130 0.52 -8.85 16.44
N LEU A 131 1.81 -9.14 16.56
CA LEU A 131 2.61 -9.52 15.40
C LEU A 131 2.13 -10.85 14.84
N PHE A 132 1.58 -11.71 15.68
CA PHE A 132 1.11 -13.00 15.21
C PHE A 132 -0.26 -12.87 14.53
N THR A 133 -1.13 -12.01 15.03
CA THR A 133 -2.52 -11.99 14.55
C THR A 133 -2.83 -10.91 13.52
N TYR A 134 -1.89 -10.00 13.22
CA TYR A 134 -2.24 -8.89 12.33
C TYR A 134 -2.78 -9.34 10.97
N PRO A 135 -2.33 -10.47 10.38
CA PRO A 135 -2.98 -10.93 9.14
C PRO A 135 -4.48 -11.15 9.29
N VAL A 136 -4.94 -11.51 10.49
CA VAL A 136 -6.37 -11.69 10.70
C VAL A 136 -7.05 -10.34 10.75
N LEU A 137 -6.44 -9.35 11.40
CA LEU A 137 -6.99 -8.00 11.34
C LEU A 137 -6.99 -7.47 9.91
N GLN A 138 -5.96 -7.79 9.13
CA GLN A 138 -5.95 -7.39 7.71
C GLN A 138 -7.12 -8.01 6.95
N ALA A 139 -7.42 -9.29 7.21
CA ALA A 139 -8.57 -9.91 6.54
C ALA A 139 -9.86 -9.21 6.92
N ALA A 140 -10.00 -8.87 8.20
CA ALA A 140 -11.19 -8.14 8.63
C ALA A 140 -11.27 -6.76 7.95
N ASP A 141 -10.14 -6.06 7.84
CA ASP A 141 -10.13 -4.76 7.17
C ASP A 141 -10.80 -4.84 5.80
N VAL A 142 -10.43 -5.85 5.01
CA VAL A 142 -10.99 -6.04 3.68
C VAL A 142 -12.42 -6.55 3.73
N LEU A 143 -12.66 -7.62 4.50
CA LEU A 143 -13.96 -8.30 4.44
C LEU A 143 -15.08 -7.45 5.00
N ALA A 144 -14.76 -6.50 5.88
CA ALA A 144 -15.80 -5.68 6.48
C ALA A 144 -16.54 -4.82 5.47
N TYR A 145 -15.96 -4.56 4.29
CA TYR A 145 -16.56 -3.64 3.33
C TYR A 145 -17.13 -4.34 2.11
N ASP A 146 -17.36 -5.66 2.19
CA ASP A 146 -17.88 -6.42 1.06
C ASP A 146 -17.02 -6.20 -0.17
N THR A 147 -15.71 -6.23 0.05
CA THR A 147 -14.75 -5.82 -0.96
C THR A 147 -14.66 -6.85 -2.08
N GLU A 148 -14.75 -6.38 -3.33
CA GLU A 148 -14.61 -7.29 -4.46
C GLU A 148 -13.17 -7.41 -4.95
N LEU A 149 -12.35 -6.37 -4.82
CA LEU A 149 -10.97 -6.41 -5.31
C LEU A 149 -10.05 -5.65 -4.38
N VAL A 150 -8.85 -6.17 -4.18
CA VAL A 150 -7.88 -5.55 -3.28
C VAL A 150 -6.61 -5.22 -4.06
N PRO A 151 -6.32 -3.93 -4.30
CA PRO A 151 -5.10 -3.59 -5.06
C PRO A 151 -3.90 -3.40 -4.17
N VAL A 152 -2.96 -4.35 -4.21
CA VAL A 152 -1.78 -4.34 -3.37
C VAL A 152 -0.55 -4.66 -4.21
N GLY A 153 0.61 -4.50 -3.60
CA GLY A 153 1.82 -5.04 -4.17
C GLY A 153 1.98 -6.53 -3.85
N GLU A 154 3.03 -7.11 -4.45
CA GLU A 154 3.26 -8.54 -4.41
C GLU A 154 3.49 -9.05 -2.99
N ASP A 155 4.10 -8.24 -2.12
CA ASP A 155 4.41 -8.61 -0.75
C ASP A 155 3.15 -8.89 0.08
N GLN A 156 1.96 -8.55 -0.41
CA GLN A 156 0.73 -8.80 0.32
C GLN A 156 0.00 -10.06 -0.14
N ARG A 157 0.52 -10.76 -1.15
CA ARG A 157 -0.23 -11.87 -1.73
C ARG A 157 -0.56 -12.94 -0.69
N GLN A 158 0.43 -13.36 0.10
CA GLN A 158 0.16 -14.43 1.07
C GLN A 158 -0.85 -13.99 2.12
N HIS A 159 -0.81 -12.72 2.53
CA HIS A 159 -1.79 -12.22 3.50
C HIS A 159 -3.20 -12.33 2.94
N LEU A 160 -3.39 -11.94 1.68
CA LEU A 160 -4.74 -11.91 1.16
C LEU A 160 -5.23 -13.29 0.75
N GLU A 161 -4.32 -14.25 0.54
CA GLU A 161 -4.74 -15.65 0.40
C GLU A 161 -5.34 -16.17 1.71
N LEU A 162 -4.74 -15.81 2.85
CA LEU A 162 -5.36 -16.09 4.14
C LEU A 162 -6.74 -15.47 4.24
N ALA A 163 -6.87 -14.19 3.87
CA ALA A 163 -8.17 -13.54 3.94
C ALA A 163 -9.20 -14.27 3.10
N ARG A 164 -8.82 -14.74 1.91
CA ARG A 164 -9.77 -15.42 1.05
C ARG A 164 -10.16 -16.78 1.65
N ASP A 165 -9.18 -17.48 2.21
CA ASP A 165 -9.43 -18.80 2.83
C ASP A 165 -10.37 -18.69 4.01
N VAL A 166 -10.12 -17.73 4.90
CA VAL A 166 -10.97 -17.57 6.07
C VAL A 166 -12.37 -17.16 5.66
N ALA A 167 -12.52 -16.31 4.64
CA ALA A 167 -13.85 -15.94 4.20
C ALA A 167 -14.63 -17.16 3.68
N GLN A 168 -13.96 -18.01 2.91
CA GLN A 168 -14.60 -19.20 2.37
C GLN A 168 -14.90 -20.20 3.49
N ARG A 169 -13.99 -20.33 4.45
CA ARG A 169 -14.25 -21.18 5.60
C ARG A 169 -15.47 -20.68 6.38
N PHE A 170 -15.57 -19.36 6.59
CA PHE A 170 -16.76 -18.81 7.24
C PHE A 170 -18.02 -19.04 6.40
N ASN A 171 -17.95 -18.73 5.09
CA ASN A 171 -19.12 -18.91 4.24
C ASN A 171 -19.52 -20.38 4.14
N SER A 172 -18.57 -21.30 4.33
CA SER A 172 -18.91 -22.72 4.44
C SER A 172 -19.96 -22.95 5.51
N ARG A 173 -19.70 -22.45 6.72
CA ARG A 173 -20.70 -22.56 7.80
C ARG A 173 -21.93 -21.72 7.51
N PHE A 174 -21.74 -20.50 6.98
CA PHE A 174 -22.81 -19.51 6.87
C PHE A 174 -22.84 -18.97 5.46
N PRO A 175 -23.54 -19.67 4.54
CA PRO A 175 -23.46 -19.33 3.12
C PRO A 175 -23.82 -17.89 2.80
N GLY A 176 -23.00 -17.29 1.94
CA GLY A 176 -23.27 -15.98 1.40
C GLY A 176 -23.14 -14.83 2.36
N THR A 177 -22.38 -15.00 3.44
CA THR A 177 -22.31 -13.91 4.40
C THR A 177 -21.24 -12.89 4.01
N LEU A 178 -20.08 -13.34 3.55
CA LEU A 178 -18.96 -12.46 3.26
C LEU A 178 -18.64 -12.52 1.78
N VAL A 179 -18.26 -11.37 1.22
CA VAL A 179 -17.76 -11.34 -0.14
C VAL A 179 -16.33 -11.86 -0.12
N VAL A 180 -16.02 -12.80 -1.01
CA VAL A 180 -14.65 -13.29 -1.17
C VAL A 180 -13.94 -12.38 -2.17
N PRO A 181 -12.88 -11.69 -1.76
CA PRO A 181 -12.28 -10.68 -2.64
C PRO A 181 -11.26 -11.27 -3.60
N ASP A 182 -11.19 -10.69 -4.79
CA ASP A 182 -10.11 -11.00 -5.74
C ASP A 182 -8.91 -10.11 -5.44
N VAL A 183 -7.71 -10.67 -5.59
CA VAL A 183 -6.49 -9.91 -5.36
C VAL A 183 -6.00 -9.33 -6.68
N LEU A 184 -5.67 -8.05 -6.67
CA LEU A 184 -5.23 -7.34 -7.88
C LEU A 184 -3.80 -6.83 -7.66
N ILE A 185 -2.82 -7.51 -8.23
CA ILE A 185 -1.42 -7.20 -8.03
C ILE A 185 -0.83 -6.87 -9.40
N PRO A 186 -0.21 -5.70 -9.57
CA PRO A 186 0.31 -5.33 -10.90
C PRO A 186 1.50 -6.18 -11.29
N LYS A 187 1.92 -6.04 -12.54
CA LYS A 187 3.09 -6.79 -13.02
C LYS A 187 4.38 -6.00 -12.79
N MET A 188 4.53 -4.88 -13.49
CA MET A 188 5.79 -4.14 -13.49
C MET A 188 6.11 -3.56 -12.12
N THR A 189 5.15 -2.88 -11.51
CA THR A 189 5.38 -2.21 -10.23
C THR A 189 5.02 -3.09 -9.03
N ALA A 190 4.86 -4.41 -9.22
CA ALA A 190 4.56 -5.31 -8.12
C ALA A 190 5.60 -5.20 -7.01
N LYS A 191 6.83 -4.82 -7.36
CA LYS A 191 7.96 -4.75 -6.43
C LYS A 191 8.91 -3.69 -6.96
N ILE A 192 8.96 -2.53 -6.31
CA ILE A 192 10.07 -1.60 -6.54
C ILE A 192 11.22 -1.99 -5.61
N TYR A 193 12.40 -2.15 -6.17
CA TYR A 193 13.53 -2.65 -5.38
C TYR A 193 14.38 -1.51 -4.80
N ASP A 194 15.05 -1.84 -3.70
CA ASP A 194 16.04 -0.95 -3.09
C ASP A 194 17.15 -0.65 -4.08
N LEU A 195 17.62 0.60 -4.08
CA LEU A 195 18.59 1.02 -5.09
C LEU A 195 19.99 0.56 -4.77
N GLN A 196 20.29 0.34 -3.49
CA GLN A 196 21.59 -0.16 -3.08
C GLN A 196 21.66 -1.68 -3.03
N ASP A 197 20.51 -2.35 -3.00
CA ASP A 197 20.45 -3.82 -2.96
C ASP A 197 19.29 -4.27 -3.83
N PRO A 198 19.48 -4.33 -5.15
CA PRO A 198 18.34 -4.46 -6.08
C PRO A 198 17.66 -5.82 -6.08
N THR A 199 18.06 -6.76 -5.24
CA THR A 199 17.30 -7.99 -5.06
C THR A 199 16.32 -7.90 -3.90
N SER A 200 16.40 -6.83 -3.12
CA SER A 200 15.59 -6.63 -1.93
C SER A 200 14.57 -5.53 -2.20
N LYS A 201 13.33 -5.74 -1.75
CA LYS A 201 12.26 -4.79 -1.99
C LYS A 201 12.50 -3.49 -1.21
N MET A 202 12.12 -2.37 -1.80
CA MET A 202 12.19 -1.11 -1.07
C MET A 202 11.28 -1.19 0.15
N SER A 203 11.86 -1.00 1.33
CA SER A 203 11.12 -1.08 2.58
C SER A 203 11.61 -0.01 3.54
N LYS A 204 10.73 0.41 4.44
CA LYS A 204 11.08 1.42 5.43
C LYS A 204 12.18 0.96 6.39
N SER A 205 12.46 -0.33 6.48
CA SER A 205 13.50 -0.82 7.38
C SER A 205 14.66 -1.50 6.64
N ALA A 206 15.22 -0.83 5.62
CA ALA A 206 16.39 -1.36 4.93
C ALA A 206 17.68 -1.22 5.74
N GLY A 207 17.63 -0.47 6.85
CA GLY A 207 18.82 -0.08 7.58
C GLY A 207 19.25 1.30 7.12
N THR A 208 20.31 1.36 6.33
CA THR A 208 20.63 2.58 5.60
C THR A 208 19.55 2.84 4.54
N ASP A 209 19.10 4.08 4.46
CA ASP A 209 18.10 4.49 3.50
C ASP A 209 18.71 5.15 2.25
N ALA A 210 19.98 4.83 1.95
CA ALA A 210 20.56 5.28 0.70
C ALA A 210 19.92 4.57 -0.50
N GLY A 211 19.34 3.39 -0.31
CA GLY A 211 18.64 2.69 -1.38
C GLY A 211 17.15 2.94 -1.41
N LEU A 212 16.66 3.84 -0.57
CA LEU A 212 15.25 4.07 -0.34
C LEU A 212 14.91 5.46 -0.86
N ILE A 213 13.87 5.57 -1.68
CA ILE A 213 13.48 6.85 -2.26
C ILE A 213 12.16 7.26 -1.63
N ASN A 214 12.20 8.25 -0.74
CA ASN A 214 11.02 8.75 -0.05
C ASN A 214 10.36 9.85 -0.85
N LEU A 215 9.03 9.81 -0.91
CA LEU A 215 8.29 10.81 -1.68
C LEU A 215 8.56 12.22 -1.17
N LEU A 216 8.69 12.41 0.14
CA LEU A 216 8.79 13.76 0.69
C LEU A 216 10.22 14.17 1.06
N ASP A 217 11.21 13.33 0.78
CA ASP A 217 12.59 13.74 0.99
C ASP A 217 12.94 14.86 0.04
N ASP A 218 13.99 15.60 0.40
CA ASP A 218 14.54 16.62 -0.46
C ASP A 218 14.81 16.05 -1.85
N PRO A 219 14.22 16.62 -2.91
CA PRO A 219 14.33 15.99 -4.23
C PRO A 219 15.77 15.79 -4.72
N ALA A 220 16.69 16.69 -4.38
CA ALA A 220 18.08 16.51 -4.77
C ALA A 220 18.73 15.35 -4.03
N LEU A 221 18.33 15.10 -2.78
CA LEU A 221 18.82 13.92 -2.10
C LEU A 221 18.33 12.65 -2.80
N SER A 222 17.08 12.64 -3.26
CA SER A 222 16.59 11.46 -3.98
C SER A 222 17.32 11.28 -5.29
N ALA A 223 17.47 12.37 -6.07
CA ALA A 223 18.25 12.31 -7.30
C ALA A 223 19.66 11.79 -7.06
N LYS A 224 20.29 12.21 -5.96
CA LYS A 224 21.63 11.72 -5.64
C LYS A 224 21.63 10.22 -5.41
N LYS A 225 20.62 9.70 -4.70
CA LYS A 225 20.51 8.26 -4.46
C LYS A 225 20.32 7.49 -5.77
N ILE A 226 19.52 8.04 -6.69
CA ILE A 226 19.32 7.37 -7.97
C ILE A 226 20.62 7.31 -8.76
N ARG A 227 21.43 8.36 -8.69
CA ARG A 227 22.68 8.37 -9.44
C ARG A 227 23.66 7.32 -8.89
N SER A 228 23.55 6.97 -7.61
CA SER A 228 24.42 5.96 -7.04
C SER A 228 23.84 4.55 -7.12
N ALA A 229 22.74 4.36 -7.87
CA ALA A 229 22.07 3.07 -7.89
C ALA A 229 22.99 1.98 -8.40
N VAL A 230 22.95 0.82 -7.74
CA VAL A 230 23.73 -0.33 -8.17
C VAL A 230 23.22 -0.80 -9.52
N THR A 231 24.14 -0.99 -10.47
CA THR A 231 23.82 -1.55 -11.78
C THR A 231 24.81 -2.67 -12.08
N ASP A 232 24.84 -3.15 -13.32
CA ASP A 232 25.71 -4.26 -13.67
C ASP A 232 26.97 -3.78 -14.38
N SER A 233 27.58 -4.67 -15.19
CA SER A 233 28.83 -4.39 -15.89
C SER A 233 28.70 -4.43 -17.40
N GLU A 234 27.51 -4.66 -17.94
CA GLU A 234 27.34 -4.99 -19.34
C GLU A 234 27.22 -3.78 -20.26
N ARG A 235 26.94 -2.58 -19.73
CA ARG A 235 26.77 -1.40 -20.59
C ARG A 235 25.68 -1.63 -21.64
N ASP A 236 24.58 -2.28 -21.25
CA ASP A 236 23.50 -2.61 -22.18
C ASP A 236 22.18 -2.41 -21.44
N ILE A 237 21.40 -1.42 -21.87
CA ILE A 237 20.14 -1.09 -21.21
C ILE A 237 19.06 -2.00 -21.80
N ARG A 238 18.66 -3.01 -21.03
CA ARG A 238 17.53 -3.85 -21.44
C ARG A 238 16.82 -4.36 -20.19
N TYR A 239 15.58 -4.78 -20.39
CA TYR A 239 14.72 -5.18 -19.28
C TYR A 239 14.87 -6.67 -19.01
N ASP A 240 15.54 -7.02 -17.92
CA ASP A 240 15.71 -8.41 -17.51
C ASP A 240 15.89 -8.45 -15.99
N PRO A 241 14.80 -8.49 -15.24
CA PRO A 241 14.92 -8.33 -13.77
C PRO A 241 15.74 -9.42 -13.08
N ASP A 242 15.80 -10.62 -13.64
CA ASP A 242 16.54 -11.69 -12.95
C ASP A 242 18.03 -11.66 -13.27
N VAL A 243 18.39 -11.15 -14.44
CA VAL A 243 19.79 -10.98 -14.81
C VAL A 243 20.29 -9.58 -14.48
N LYS A 244 19.44 -8.56 -14.66
CA LYS A 244 19.82 -7.17 -14.52
C LYS A 244 18.89 -6.47 -13.54
N PRO A 245 19.05 -6.73 -12.24
CA PRO A 245 18.09 -6.20 -11.26
C PRO A 245 18.11 -4.68 -11.18
N GLY A 246 19.30 -4.11 -10.99
CA GLY A 246 19.40 -2.67 -10.88
C GLY A 246 18.85 -1.95 -12.10
N VAL A 247 19.26 -2.39 -13.28
CA VAL A 247 18.86 -1.70 -14.51
C VAL A 247 17.36 -1.82 -14.74
N SER A 248 16.81 -3.03 -14.54
CA SER A 248 15.38 -3.25 -14.71
C SER A 248 14.57 -2.43 -13.72
N ASN A 249 15.05 -2.31 -12.48
CA ASN A 249 14.37 -1.49 -11.49
C ASN A 249 14.30 -0.03 -11.92
N LEU A 250 15.43 0.53 -12.34
CA LEU A 250 15.46 1.91 -12.80
C LEU A 250 14.47 2.12 -13.94
N LEU A 251 14.48 1.22 -14.92
CA LEU A 251 13.53 1.31 -16.03
C LEU A 251 12.09 1.23 -15.53
N ASN A 252 11.83 0.35 -14.57
CA ASN A 252 10.50 0.26 -13.95
C ASN A 252 10.11 1.58 -13.32
N ILE A 253 11.02 2.18 -12.56
CA ILE A 253 10.72 3.45 -11.91
C ILE A 253 10.44 4.53 -12.94
N GLN A 254 11.32 4.68 -13.94
CA GLN A 254 11.13 5.76 -14.92
C GLN A 254 9.83 5.57 -15.69
N SER A 255 9.55 4.34 -16.11
CA SER A 255 8.31 4.04 -16.82
C SER A 255 7.10 4.36 -15.95
N ALA A 256 7.16 4.03 -14.67
CA ALA A 256 6.00 4.24 -13.80
C ALA A 256 5.72 5.73 -13.58
N VAL A 257 6.76 6.53 -13.33
CA VAL A 257 6.53 7.95 -13.07
C VAL A 257 6.33 8.79 -14.32
N THR A 258 6.58 8.24 -15.52
CA THR A 258 6.42 9.00 -16.76
C THR A 258 5.24 8.58 -17.61
N GLY A 259 4.74 7.36 -17.46
CA GLY A 259 3.74 6.84 -18.36
C GLY A 259 4.27 6.24 -19.65
N THR A 260 5.58 6.23 -19.86
CA THR A 260 6.17 5.66 -21.07
C THR A 260 6.41 4.17 -20.86
N ASP A 261 5.95 3.37 -21.82
CA ASP A 261 6.12 1.92 -21.74
C ASP A 261 7.59 1.56 -21.69
N ILE A 262 7.88 0.45 -20.99
CA ILE A 262 9.26 0.02 -20.81
C ILE A 262 9.93 -0.24 -22.15
N ASP A 263 9.25 -0.92 -23.07
CA ASP A 263 9.88 -1.24 -24.34
C ASP A 263 10.12 -0.01 -25.19
N VAL A 264 9.26 1.00 -25.10
CA VAL A 264 9.54 2.27 -25.77
C VAL A 264 10.78 2.92 -25.18
N LEU A 265 10.95 2.82 -23.86
CA LEU A 265 12.15 3.38 -23.23
C LEU A 265 13.40 2.61 -23.62
N VAL A 266 13.33 1.28 -23.59
CA VAL A 266 14.52 0.48 -23.91
C VAL A 266 14.95 0.71 -25.35
N ASP A 267 13.99 0.87 -26.26
CA ASP A 267 14.30 1.19 -27.65
C ASP A 267 15.01 2.54 -27.75
N GLY A 268 14.48 3.56 -27.07
CA GLY A 268 15.14 4.86 -27.03
C GLY A 268 16.51 4.85 -26.39
N TYR A 269 16.79 3.87 -25.53
CA TYR A 269 18.07 3.79 -24.85
C TYR A 269 19.13 3.00 -25.63
N ALA A 270 18.82 2.54 -26.83
CA ALA A 270 19.80 1.83 -27.64
C ALA A 270 21.00 2.74 -27.92
N GLY A 271 22.20 2.23 -27.64
CA GLY A 271 23.41 3.00 -27.77
C GLY A 271 23.78 3.83 -26.56
N HIS A 272 22.87 4.00 -25.60
CA HIS A 272 23.12 4.78 -24.40
C HIS A 272 23.72 3.92 -23.30
N GLY A 273 24.44 4.59 -22.39
CA GLY A 273 24.99 3.96 -21.21
C GLY A 273 24.13 4.20 -19.97
N TYR A 274 24.63 3.73 -18.83
CA TYR A 274 23.85 3.72 -17.60
C TYR A 274 23.78 5.10 -16.94
N GLY A 275 24.79 5.95 -17.17
CA GLY A 275 24.69 7.32 -16.69
C GLY A 275 23.47 8.02 -17.23
N ASP A 276 23.18 7.82 -18.52
CA ASP A 276 21.98 8.40 -19.11
C ASP A 276 20.71 7.84 -18.47
N LEU A 277 20.72 6.54 -18.15
CA LEU A 277 19.54 5.94 -17.52
C LEU A 277 19.31 6.52 -16.13
N LYS A 278 20.38 6.65 -15.33
CA LYS A 278 20.23 7.22 -13.98
C LYS A 278 19.86 8.70 -14.04
N LYS A 279 20.51 9.47 -14.91
CA LYS A 279 20.18 10.89 -15.02
C LYS A 279 18.73 11.09 -15.43
N ASP A 280 18.23 10.30 -16.38
CA ASP A 280 16.85 10.47 -16.81
C ASP A 280 15.87 10.04 -15.73
N THR A 281 16.16 8.94 -15.03
CA THR A 281 15.28 8.51 -13.95
C THR A 281 15.30 9.50 -12.80
N ALA A 282 16.49 9.97 -12.38
CA ALA A 282 16.55 11.04 -11.37
C ALA A 282 15.66 12.21 -11.75
N GLU A 283 15.79 12.70 -12.99
CA GLU A 283 15.03 13.88 -13.40
C GLU A 283 13.54 13.59 -13.41
N ALA A 284 13.14 12.41 -13.88
CA ALA A 284 11.72 12.07 -13.88
C ALA A 284 11.17 11.99 -12.47
N VAL A 285 11.94 11.41 -11.54
CA VAL A 285 11.46 11.29 -10.17
C VAL A 285 11.35 12.68 -9.52
N VAL A 286 12.34 13.55 -9.75
CA VAL A 286 12.30 14.90 -9.21
C VAL A 286 11.03 15.60 -9.67
N GLU A 287 10.69 15.48 -10.96
CA GLU A 287 9.46 16.07 -11.46
C GLU A 287 8.23 15.39 -10.87
N PHE A 288 8.36 14.11 -10.50
CA PHE A 288 7.26 13.40 -9.86
C PHE A 288 6.99 13.93 -8.46
N VAL A 289 8.03 14.06 -7.63
CA VAL A 289 7.81 14.36 -6.21
C VAL A 289 7.63 15.85 -5.93
N ASN A 290 8.10 16.75 -6.80
CA ASN A 290 7.96 18.18 -6.52
C ASN A 290 6.51 18.61 -6.37
N PRO A 291 5.58 18.25 -7.26
CA PRO A 291 4.19 18.64 -7.02
C PRO A 291 3.59 17.91 -5.83
N ILE A 292 4.04 16.69 -5.52
CA ILE A 292 3.54 16.00 -4.33
C ILE A 292 3.90 16.77 -3.06
N GLN A 293 5.17 17.13 -2.94
CA GLN A 293 5.63 17.85 -1.75
C GLN A 293 4.90 19.18 -1.58
N ALA A 294 4.61 19.88 -2.68
CA ALA A 294 3.91 21.15 -2.56
C ALA A 294 2.49 20.95 -2.05
N ARG A 295 1.82 19.90 -2.52
CA ARG A 295 0.48 19.61 -2.04
C ARG A 295 0.49 19.20 -0.57
N VAL A 296 1.41 18.31 -0.20
CA VAL A 296 1.45 17.83 1.18
C VAL A 296 1.79 18.96 2.14
N ASP A 297 2.73 19.84 1.74
CA ASP A 297 3.06 20.99 2.59
C ASP A 297 1.81 21.80 2.91
N GLU A 298 1.02 22.13 1.88
CA GLU A 298 -0.19 22.92 2.13
C GLU A 298 -1.20 22.17 2.97
N LEU A 299 -1.35 20.86 2.76
CA LEU A 299 -2.31 20.08 3.56
C LEU A 299 -1.87 19.97 5.00
N THR A 300 -0.55 19.98 5.26
CA THR A 300 -0.07 20.00 6.63
C THR A 300 -0.22 21.38 7.25
N ALA A 301 0.06 22.44 6.50
CA ALA A 301 -0.05 23.78 7.06
C ALA A 301 -1.50 24.19 7.29
N ASP A 302 -2.42 23.66 6.49
CA ASP A 302 -3.84 24.02 6.59
C ASP A 302 -4.64 22.73 6.67
N PRO A 303 -4.86 22.20 7.88
CA PRO A 303 -5.37 20.83 8.03
C PRO A 303 -6.89 20.68 7.93
N ALA A 304 -7.65 21.78 7.94
CA ALA A 304 -9.10 21.70 7.92
C ALA A 304 -9.62 20.78 6.81
N GLU A 305 -9.06 20.93 5.61
CA GLU A 305 -9.51 20.15 4.45
C GLU A 305 -9.33 18.66 4.70
N LEU A 306 -8.12 18.24 5.05
CA LEU A 306 -7.84 16.85 5.34
C LEU A 306 -8.74 16.31 6.45
N GLU A 307 -8.95 17.10 7.50
CA GLU A 307 -9.76 16.65 8.63
C GLU A 307 -11.20 16.39 8.23
N ALA A 308 -11.78 17.27 7.41
CA ALA A 308 -13.14 17.04 6.94
C ALA A 308 -13.23 15.79 6.08
N VAL A 309 -12.20 15.53 5.26
CA VAL A 309 -12.19 14.33 4.43
C VAL A 309 -12.21 13.08 5.31
N LEU A 310 -11.33 13.05 6.32
CA LEU A 310 -11.23 11.87 7.18
C LEU A 310 -12.48 11.69 8.03
N ALA A 311 -13.13 12.79 8.41
CA ALA A 311 -14.35 12.68 9.20
C ALA A 311 -15.52 12.18 8.35
N ALA A 312 -15.63 12.61 7.12
CA ALA A 312 -16.66 12.09 6.28
C ALA A 312 -16.40 10.60 5.96
N GLY A 313 -15.15 10.26 5.75
CA GLY A 313 -14.72 8.93 5.47
C GLY A 313 -15.06 7.97 6.60
N ALA A 314 -14.83 8.38 7.82
CA ALA A 314 -15.12 7.56 8.95
C ALA A 314 -16.63 7.26 9.07
N GLN A 315 -17.46 8.24 8.81
CA GLN A 315 -18.87 8.07 8.87
C GLN A 315 -19.32 7.06 7.83
N ARG A 316 -18.81 7.22 6.63
CA ARG A 316 -19.16 6.34 5.55
C ARG A 316 -18.68 4.93 5.81
N ALA A 317 -17.44 4.80 6.25
CA ALA A 317 -16.88 3.54 6.57
C ALA A 317 -17.70 2.86 7.66
N HIS A 318 -18.04 3.59 8.70
CA HIS A 318 -18.82 3.07 9.77
C HIS A 318 -20.21 2.55 9.32
N ASP A 319 -20.89 3.29 8.47
CA ASP A 319 -22.17 2.89 7.96
C ASP A 319 -22.12 1.54 7.23
N VAL A 320 -21.08 1.33 6.45
CA VAL A 320 -20.89 0.08 5.76
C VAL A 320 -20.44 -1.07 6.68
N ALA A 321 -19.33 -0.87 7.35
CA ALA A 321 -18.71 -1.85 8.21
C ALA A 321 -19.60 -2.36 9.34
N SER A 322 -20.29 -1.48 9.99
CA SER A 322 -21.18 -1.87 11.05
C SER A 322 -22.29 -2.85 10.55
N LYS A 323 -22.81 -2.65 9.35
CA LYS A 323 -23.80 -3.56 8.79
C LYS A 323 -23.20 -4.93 8.52
N THR A 324 -21.95 -4.98 8.03
CA THR A 324 -21.29 -6.27 7.85
C THR A 324 -21.18 -7.01 9.18
N VAL A 325 -20.76 -6.29 10.22
CA VAL A 325 -20.60 -6.91 11.53
C VAL A 325 -21.94 -7.42 12.05
N GLN A 326 -23.00 -6.64 11.89
CA GLN A 326 -24.32 -7.08 12.34
C GLN A 326 -24.82 -8.29 11.55
N ARG A 327 -24.51 -8.37 10.24
CA ARG A 327 -24.84 -9.58 9.48
C ARG A 327 -24.08 -10.79 10.01
N VAL A 328 -22.77 -10.64 10.21
CA VAL A 328 -21.94 -11.71 10.76
C VAL A 328 -22.45 -12.13 12.13
N TYR A 329 -22.73 -11.15 12.99
CA TYR A 329 -23.16 -11.46 14.35
C TYR A 329 -24.49 -12.22 14.32
N ASP A 330 -25.41 -11.79 13.46
CA ASP A 330 -26.69 -12.48 13.34
C ASP A 330 -26.51 -13.93 12.91
N ARG A 331 -25.63 -14.18 11.93
CA ARG A 331 -25.39 -15.54 11.47
C ARG A 331 -24.81 -16.41 12.57
N LEU A 332 -23.90 -15.86 13.37
CA LEU A 332 -23.27 -16.63 14.45
C LEU A 332 -24.25 -17.00 15.55
N GLY A 333 -25.35 -16.26 15.68
CA GLY A 333 -26.31 -16.48 16.72
C GLY A 333 -26.20 -15.57 17.91
N PHE A 334 -25.43 -14.48 17.83
CA PHE A 334 -25.35 -13.53 18.93
C PHE A 334 -26.69 -12.84 19.13
N LEU A 335 -26.99 -12.51 20.39
CA LEU A 335 -28.14 -11.70 20.71
C LEU A 335 -27.87 -10.26 20.27
N LEU A 336 -28.74 -9.72 19.44
CA LEU A 336 -28.47 -8.44 18.78
C LEU A 336 -29.03 -7.27 19.59
#